data_7FQR
#
_entry.id   7FQR
#
_cell.length_a   89.570
_cell.length_b   89.570
_cell.length_c   106.440
_cell.angle_alpha   90.000
_cell.angle_beta   90.000
_cell.angle_gamma   120.000
#
_symmetry.space_group_name_H-M   'P 31 2 1'
#
loop_
_entity.id
_entity.type
_entity.pdbx_description
1 polymer 'Tyrosine-protein phosphatase non-receptor type 1'
2 non-polymer 2-AMINO-2-HYDROXYMETHYL-PROPANE-1,3-DIOL
3 non-polymer 'methyl (1S,3S,4R)-4-hydroxy-3-[(1S)-1-hydroxypropyl]-2-azabicyclo[2.2.2]octane-2-carboxylate'
4 water water
#
_entity_poly.entity_id   1
_entity_poly.type   'polypeptide(L)'
_entity_poly.pdbx_seq_one_letter_code
;MEMEKEFEQIDKSGSWAAIYQDIRHEASDFPSRVAKLPKNKNRNRYRDVSPFDHSRIKLHQEDNDYINASLIKMEEAQRS
YILTQGPLPNTVGHFWEMVWEQKSRGVVMLNRVMEKGSLKCAQYWPQKEEKEMIFEDTNLKLTLISEDIKSYYTVRQLEL
ENLTTQETREILHFHYTTWPDFGVPESPASFLNFLFKVRESGSLSPEHGPVVVHCSAGIGRSGTFCLADTCLLLMDKRKD
PSSVDIKKVLLEMRKFRMGLIQTADQLRFSYLAVIEGAKFIMGDSSVQDQWKELSHEDLEPPPEHIPPPPRPPKRILEPH
N
;
_entity_poly.pdbx_strand_id   A
#
loop_
_chem_comp.id
_chem_comp.type
_chem_comp.name
_chem_comp.formula
JPD non-polymer 'methyl (1S,3S,4R)-4-hydroxy-3-[(1S)-1-hydroxypropyl]-2-azabicyclo[2.2.2]octane-2-carboxylate' 'C12 H21 N O4'
TRS non-polymer 2-AMINO-2-HYDROXYMETHYL-PROPANE-1,3-DIOL 'C4 H12 N O3 1'
#
# COMPACT_ATOMS: atom_id res chain seq x y z
N GLU A 2 0.08 -11.61 -24.77
CA GLU A 2 -0.08 -10.21 -24.29
C GLU A 2 -1.34 -10.09 -23.42
N MET A 3 -1.20 -9.37 -22.32
CA MET A 3 -2.21 -9.21 -21.24
C MET A 3 -3.51 -8.57 -21.78
N GLU A 4 -3.39 -7.64 -22.74
CA GLU A 4 -4.54 -6.96 -23.39
C GLU A 4 -5.49 -8.01 -24.00
N LYS A 5 -4.94 -9.08 -24.60
CA LYS A 5 -5.73 -10.13 -25.28
C LYS A 5 -6.26 -11.08 -24.20
N GLU A 6 -5.41 -11.41 -23.24
CA GLU A 6 -5.77 -12.23 -22.06
C GLU A 6 -6.96 -11.56 -21.34
N PHE A 7 -6.93 -10.23 -21.21
CA PHE A 7 -8.02 -9.39 -20.62
C PHE A 7 -9.33 -9.61 -21.37
N GLU A 8 -9.33 -9.48 -22.69
CA GLU A 8 -10.55 -9.63 -23.54
C GLU A 8 -11.12 -11.04 -23.35
N GLN A 9 -10.25 -12.06 -23.35
CA GLN A 9 -10.61 -13.49 -23.16
C GLN A 9 -11.33 -13.67 -21.83
N ILE A 10 -10.70 -13.22 -20.73
CA ILE A 10 -11.29 -13.40 -19.37
C ILE A 10 -12.59 -12.59 -19.34
N ASP A 11 -12.57 -11.38 -19.91
CA ASP A 11 -13.74 -10.46 -19.90
C ASP A 11 -14.88 -11.09 -20.72
N LYS A 12 -14.64 -11.44 -21.99
CA LYS A 12 -15.64 -12.07 -22.90
C LYS A 12 -16.13 -13.40 -22.33
N SER A 13 -15.27 -14.19 -21.67
CA SER A 13 -15.66 -15.48 -21.04
C SER A 13 -16.24 -15.27 -19.63
N GLY A 14 -16.23 -14.05 -19.09
CA GLY A 14 -16.53 -13.73 -17.67
C GLY A 14 -15.82 -14.66 -16.65
N SER A 15 -14.51 -14.86 -16.79
CA SER A 15 -13.72 -15.83 -15.97
C SER A 15 -12.98 -15.18 -14.79
N TRP A 16 -13.27 -13.93 -14.43
CA TRP A 16 -12.50 -13.19 -13.40
C TRP A 16 -12.57 -13.93 -12.06
N ALA A 17 -13.75 -14.34 -11.62
CA ALA A 17 -13.92 -15.05 -10.33
C ALA A 17 -13.09 -16.33 -10.35
N ALA A 18 -12.97 -16.97 -11.53
CA ALA A 18 -12.21 -18.22 -11.74
C ALA A 18 -10.70 -17.99 -11.63
N ILE A 19 -10.14 -17.06 -12.43
CA ILE A 19 -8.71 -16.63 -12.35
C ILE A 19 -8.40 -16.31 -10.87
N TYR A 20 -9.26 -15.53 -10.24
CA TYR A 20 -9.02 -14.98 -8.88
C TYR A 20 -8.85 -16.15 -7.91
N GLN A 21 -9.73 -17.16 -8.03
CA GLN A 21 -9.71 -18.37 -7.16
C GLN A 21 -8.43 -19.19 -7.38
N ASP A 22 -7.93 -19.33 -8.60
CA ASP A 22 -6.66 -20.07 -8.85
C ASP A 22 -5.49 -19.34 -8.14
N ILE A 23 -5.51 -18.00 -8.14
CA ILE A 23 -4.52 -17.18 -7.39
C ILE A 23 -4.62 -17.48 -5.89
N ARG A 24 -5.84 -17.51 -5.37
CA ARG A 24 -6.09 -17.80 -3.95
C ARG A 24 -5.48 -19.15 -3.61
N HIS A 25 -5.71 -20.16 -4.47
N HIS A 25 -5.67 -20.16 -4.47
CA HIS A 25 -5.29 -21.58 -4.28
CA HIS A 25 -5.27 -21.57 -4.19
C HIS A 25 -3.76 -21.65 -4.26
C HIS A 25 -3.75 -21.72 -4.31
N GLU A 26 -3.10 -20.98 -5.21
CA GLU A 26 -1.62 -21.04 -5.41
C GLU A 26 -0.85 -20.16 -4.43
N ALA A 27 -1.52 -19.29 -3.68
CA ALA A 27 -0.86 -18.28 -2.81
C ALA A 27 -0.09 -18.98 -1.68
N SER A 28 1.03 -18.40 -1.31
CA SER A 28 1.92 -18.83 -0.24
C SER A 28 1.18 -18.80 1.09
N ASP A 29 1.57 -19.66 2.02
CA ASP A 29 1.04 -19.65 3.39
C ASP A 29 2.23 -19.80 4.34
N PHE A 30 2.58 -18.75 5.05
CA PHE A 30 3.76 -18.79 5.93
C PHE A 30 3.24 -18.54 7.33
N PRO A 31 3.98 -18.95 8.34
CA PRO A 31 3.58 -18.68 9.70
C PRO A 31 3.51 -17.16 10.00
N SER A 32 2.52 -16.80 10.84
N SER A 32 2.54 -16.80 10.85
CA SER A 32 2.32 -15.46 11.45
CA SER A 32 2.35 -15.45 11.45
C SER A 32 2.20 -15.62 12.96
C SER A 32 2.20 -15.62 12.96
N ARG A 33 3.19 -16.24 13.59
CA ARG A 33 3.15 -16.53 15.04
C ARG A 33 3.17 -15.22 15.83
N VAL A 34 4.05 -14.29 15.46
CA VAL A 34 4.19 -13.07 16.29
C VAL A 34 2.86 -12.30 16.32
N ALA A 35 2.16 -12.18 15.19
CA ALA A 35 0.89 -11.44 15.05
C ALA A 35 -0.16 -12.03 16.00
N LYS A 36 -0.14 -13.34 16.25
CA LYS A 36 -1.19 -14.05 17.04
C LYS A 36 -0.86 -14.11 18.54
N LEU A 37 0.31 -13.71 19.00
CA LEU A 37 0.59 -13.61 20.45
C LEU A 37 -0.50 -12.74 21.10
N PRO A 38 -0.98 -13.13 22.31
CA PRO A 38 -2.08 -12.43 22.97
C PRO A 38 -1.74 -10.97 23.29
N LYS A 39 -0.49 -10.68 23.60
CA LYS A 39 -0.05 -9.30 23.87
C LYS A 39 -0.17 -8.40 22.61
N ASN A 40 -0.43 -8.95 21.41
CA ASN A 40 -0.48 -8.15 20.17
C ASN A 40 -1.90 -8.06 19.65
N LYS A 41 -2.89 -8.59 20.38
CA LYS A 41 -4.27 -8.66 19.86
C LYS A 41 -4.79 -7.25 19.57
N ASN A 42 -4.47 -6.29 20.40
CA ASN A 42 -4.99 -4.92 20.22
C ASN A 42 -4.07 -4.12 19.26
N ARG A 43 -3.08 -4.75 18.61
CA ARG A 43 -2.22 -4.08 17.59
C ARG A 43 -2.70 -4.43 16.19
N ASN A 44 -3.75 -5.26 16.08
CA ASN A 44 -4.29 -5.73 14.79
C ASN A 44 -5.68 -5.23 14.61
N ARG A 45 -5.99 -4.67 13.46
CA ARG A 45 -7.32 -4.14 13.18
C ARG A 45 -8.25 -5.30 12.87
N TYR A 46 -7.79 -6.29 12.09
CA TYR A 46 -8.59 -7.44 11.62
C TYR A 46 -7.89 -8.72 12.04
N ARG A 47 -8.65 -9.63 12.66
CA ARG A 47 -8.08 -10.87 13.27
C ARG A 47 -7.60 -11.79 12.16
N ASP A 48 -8.09 -11.65 10.92
CA ASP A 48 -7.72 -12.56 9.80
C ASP A 48 -6.66 -11.91 8.85
N VAL A 49 -6.09 -10.75 9.20
CA VAL A 49 -5.03 -10.12 8.37
C VAL A 49 -3.81 -9.89 9.22
N SER A 50 -2.82 -10.72 8.98
CA SER A 50 -1.58 -10.77 9.75
C SER A 50 -0.40 -10.71 8.80
N PRO A 51 0.68 -10.03 9.21
CA PRO A 51 1.94 -10.14 8.49
C PRO A 51 2.57 -11.54 8.78
N PHE A 52 3.22 -12.09 7.79
CA PHE A 52 4.10 -13.28 7.96
C PHE A 52 5.26 -12.88 8.85
N ASP A 53 5.75 -13.84 9.64
CA ASP A 53 6.92 -13.57 10.50
C ASP A 53 8.12 -13.19 9.64
N HIS A 54 8.32 -13.85 8.50
CA HIS A 54 9.60 -13.70 7.75
C HIS A 54 9.74 -12.27 7.16
N SER A 55 8.64 -11.61 6.88
CA SER A 55 8.68 -10.31 6.12
C SER A 55 8.17 -9.15 6.98
N ARG A 56 7.95 -9.36 8.27
CA ARG A 56 7.24 -8.39 9.12
C ARG A 56 8.26 -7.29 9.46
N ILE A 57 7.80 -6.04 9.52
CA ILE A 57 8.61 -4.89 9.99
C ILE A 57 8.71 -4.94 11.50
N LYS A 58 9.89 -4.84 12.03
CA LYS A 58 10.09 -4.80 13.47
C LYS A 58 10.31 -3.36 13.90
N LEU A 59 9.64 -2.93 14.94
CA LEU A 59 9.95 -1.66 15.63
C LEU A 59 11.23 -1.84 16.46
N HIS A 60 12.09 -0.83 16.52
CA HIS A 60 13.32 -0.81 17.36
C HIS A 60 12.97 -0.36 18.78
N GLN A 61 11.97 -0.92 19.46
CA GLN A 61 11.65 -0.64 20.89
C GLN A 61 11.75 -2.00 21.60
N GLU A 62 12.44 -2.06 22.75
CA GLU A 62 12.82 -3.34 23.41
C GLU A 62 11.56 -4.04 23.96
N ASP A 63 10.57 -3.25 24.36
CA ASP A 63 9.31 -3.71 24.99
C ASP A 63 8.58 -4.71 24.06
N ASN A 64 7.99 -4.19 22.99
CA ASN A 64 7.20 -4.97 21.99
C ASN A 64 7.55 -4.45 20.60
N ASP A 65 8.08 -5.29 19.71
CA ASP A 65 8.59 -4.81 18.41
C ASP A 65 7.50 -4.89 17.34
N TYR A 66 6.28 -5.23 17.70
CA TYR A 66 5.28 -5.69 16.72
C TYR A 66 4.48 -4.51 16.14
N ILE A 67 4.32 -4.55 14.80
CA ILE A 67 3.38 -3.69 14.06
C ILE A 67 2.87 -4.54 12.90
N ASN A 68 1.61 -4.36 12.57
CA ASN A 68 0.99 -5.04 11.44
C ASN A 68 1.46 -4.33 10.16
N ALA A 69 2.63 -4.74 9.69
CA ALA A 69 3.30 -4.21 8.50
C ALA A 69 4.22 -5.27 7.93
N SER A 70 4.33 -5.28 6.61
CA SER A 70 5.14 -6.24 5.84
C SER A 70 6.04 -5.46 4.87
N LEU A 71 7.24 -5.95 4.70
CA LEU A 71 8.15 -5.52 3.63
C LEU A 71 7.98 -6.36 2.39
N ILE A 72 7.55 -5.76 1.29
N ILE A 72 7.47 -5.77 1.32
CA ILE A 72 7.45 -6.42 -0.04
CA ILE A 72 7.43 -6.38 -0.03
C ILE A 72 8.67 -6.02 -0.90
C ILE A 72 8.74 -6.00 -0.74
N LYS A 73 9.56 -6.98 -1.14
CA LYS A 73 10.85 -6.74 -1.85
C LYS A 73 10.76 -7.30 -3.27
N MET A 74 10.67 -6.45 -4.30
CA MET A 74 10.56 -6.91 -5.70
C MET A 74 11.97 -6.79 -6.33
N GLU A 75 12.70 -7.90 -6.27
CA GLU A 75 14.13 -8.03 -6.62
C GLU A 75 14.42 -7.53 -8.05
N GLU A 76 13.72 -8.05 -9.06
CA GLU A 76 14.01 -7.67 -10.47
C GLU A 76 13.60 -6.22 -10.74
N ALA A 77 12.56 -5.71 -10.08
CA ALA A 77 12.10 -4.31 -10.31
C ALA A 77 12.92 -3.32 -9.46
N GLN A 78 13.67 -3.83 -8.49
N GLN A 78 13.70 -3.83 -8.51
CA GLN A 78 14.47 -3.02 -7.54
CA GLN A 78 14.45 -3.02 -7.52
C GLN A 78 13.54 -2.02 -6.83
C GLN A 78 13.50 -2.00 -6.87
N ARG A 79 12.35 -2.49 -6.40
CA ARG A 79 11.38 -1.67 -5.68
C ARG A 79 11.07 -2.43 -4.39
N SER A 80 11.00 -1.69 -3.29
N SER A 80 10.93 -1.69 -3.29
CA SER A 80 10.48 -2.18 -2.00
CA SER A 80 10.47 -2.22 -1.98
C SER A 80 9.23 -1.36 -1.63
C SER A 80 9.36 -1.34 -1.41
N TYR A 81 8.32 -1.98 -0.85
CA TYR A 81 7.15 -1.27 -0.29
C TYR A 81 6.89 -1.86 1.09
N ILE A 82 6.50 -0.99 2.01
CA ILE A 82 5.91 -1.41 3.29
C ILE A 82 4.42 -1.29 3.14
N LEU A 83 3.71 -2.41 3.29
CA LEU A 83 2.24 -2.42 3.34
C LEU A 83 1.80 -2.60 4.79
N THR A 84 0.88 -1.78 5.25
CA THR A 84 0.47 -1.75 6.66
C THR A 84 -1.06 -1.55 6.67
N GLN A 85 -1.63 -1.79 7.82
CA GLN A 85 -3.04 -1.49 8.05
C GLN A 85 -3.17 0.02 8.34
N GLY A 86 -4.37 0.54 8.21
CA GLY A 86 -4.68 1.87 8.72
C GLY A 86 -4.40 1.85 10.22
N PRO A 87 -3.64 2.80 10.78
CA PRO A 87 -3.38 2.78 12.20
C PRO A 87 -4.66 2.84 13.05
N LEU A 88 -4.56 2.22 14.20
CA LEU A 88 -5.55 2.23 15.29
C LEU A 88 -5.23 3.39 16.22
N PRO A 89 -6.20 3.84 17.03
CA PRO A 89 -5.97 4.89 18.04
C PRO A 89 -4.72 4.60 18.86
N ASN A 90 -4.50 3.35 19.20
CA ASN A 90 -3.37 3.00 20.08
C ASN A 90 -2.09 2.69 19.27
N THR A 91 -2.11 2.64 17.94
CA THR A 91 -0.85 2.36 17.19
C THR A 91 -0.40 3.56 16.35
N VAL A 92 -1.01 4.74 16.51
CA VAL A 92 -0.54 5.91 15.70
C VAL A 92 0.92 6.21 16.01
N GLY A 93 1.36 6.12 17.26
CA GLY A 93 2.78 6.37 17.57
C GLY A 93 3.71 5.33 16.95
N HIS A 94 3.30 4.07 16.91
CA HIS A 94 4.10 2.95 16.33
C HIS A 94 4.24 3.16 14.83
N PHE A 95 3.14 3.62 14.19
CA PHE A 95 3.14 3.94 12.74
C PHE A 95 4.27 4.92 12.45
N TRP A 96 4.30 6.06 13.15
CA TRP A 96 5.27 7.11 12.84
C TRP A 96 6.68 6.65 13.24
N GLU A 97 6.80 5.87 14.30
CA GLU A 97 8.08 5.27 14.67
C GLU A 97 8.61 4.43 13.49
N MET A 98 7.75 3.60 12.91
CA MET A 98 8.13 2.80 11.73
C MET A 98 8.59 3.71 10.61
N VAL A 99 7.83 4.77 10.29
CA VAL A 99 8.23 5.69 9.21
C VAL A 99 9.64 6.24 9.48
N TRP A 100 9.90 6.61 10.71
CA TRP A 100 11.18 7.19 11.11
C TRP A 100 12.28 6.13 10.92
N GLU A 101 12.08 4.99 11.56
CA GLU A 101 13.11 3.91 11.58
C GLU A 101 13.43 3.38 10.19
N GLN A 102 12.46 3.30 9.28
CA GLN A 102 12.70 2.75 7.92
C GLN A 102 13.15 3.82 6.89
N LYS A 103 13.26 5.10 7.28
CA LYS A 103 13.76 6.22 6.43
C LYS A 103 12.88 6.46 5.23
N SER A 104 11.61 6.12 5.35
CA SER A 104 10.58 6.36 4.35
C SER A 104 10.45 7.87 4.11
N ARG A 105 10.16 8.25 2.87
CA ARG A 105 9.97 9.66 2.47
C ARG A 105 8.48 9.89 2.17
N GLY A 106 7.75 8.86 1.78
CA GLY A 106 6.33 8.96 1.42
C GLY A 106 5.47 7.98 2.18
N VAL A 107 4.25 8.44 2.40
CA VAL A 107 3.11 7.66 2.93
C VAL A 107 2.00 7.75 1.93
N VAL A 108 1.57 6.60 1.42
CA VAL A 108 0.44 6.54 0.47
C VAL A 108 -0.80 5.94 1.19
N MET A 109 -1.89 6.71 1.23
CA MET A 109 -3.16 6.39 1.92
C MET A 109 -4.23 6.25 0.85
N LEU A 110 -4.93 5.10 0.79
CA LEU A 110 -5.84 4.83 -0.33
C LEU A 110 -7.28 4.77 0.19
N ASN A 111 -7.53 5.16 1.42
CA ASN A 111 -8.90 5.13 2.01
C ASN A 111 -9.23 6.52 2.59
N ARG A 112 -10.48 6.69 2.97
CA ARG A 112 -11.01 7.82 3.79
C ARG A 112 -11.08 7.31 5.20
N VAL A 113 -11.00 8.22 6.15
CA VAL A 113 -11.03 7.86 7.58
C VAL A 113 -12.40 7.23 7.92
N MET A 114 -13.44 7.71 7.27
CA MET A 114 -14.76 7.08 7.45
C MET A 114 -15.25 6.62 6.08
N GLU A 115 -15.62 5.33 6.02
CA GLU A 115 -16.20 4.65 4.83
C GLU A 115 -17.38 3.78 5.27
N LYS A 116 -18.50 3.82 4.55
N LYS A 116 -18.49 3.81 4.55
CA LYS A 116 -19.70 3.00 4.87
CA LYS A 116 -19.70 3.00 4.87
C LYS A 116 -20.11 3.27 6.32
C LYS A 116 -20.11 3.27 6.32
N GLY A 117 -20.06 4.52 6.75
CA GLY A 117 -20.44 4.92 8.11
C GLY A 117 -19.65 4.36 9.26
N SER A 118 -18.45 3.78 9.05
CA SER A 118 -17.57 3.24 10.11
C SER A 118 -16.14 3.81 9.99
N LEU A 119 -15.38 3.78 11.05
CA LEU A 119 -14.02 4.34 10.99
C LEU A 119 -13.11 3.25 10.44
N LYS A 120 -12.34 3.57 9.40
CA LYS A 120 -11.45 2.63 8.70
C LYS A 120 -9.98 2.86 9.12
N CYS A 121 -9.72 3.95 9.83
CA CYS A 121 -8.39 4.45 10.17
C CYS A 121 -8.51 5.53 11.24
N ALA A 122 -7.59 5.60 12.18
CA ALA A 122 -7.39 6.79 13.05
C ALA A 122 -6.89 7.99 12.22
N GLN A 123 -7.31 9.16 12.64
CA GLN A 123 -6.81 10.45 12.12
C GLN A 123 -5.36 10.56 12.61
N TYR A 124 -4.37 10.21 11.80
CA TYR A 124 -2.99 10.06 12.32
C TYR A 124 -2.08 11.22 11.88
N TRP A 125 -2.63 12.26 11.24
CA TRP A 125 -1.84 13.45 10.85
C TRP A 125 -2.63 14.71 11.22
N PRO A 126 -1.95 15.85 11.39
CA PRO A 126 -2.60 17.10 11.83
C PRO A 126 -3.43 17.73 10.75
N GLN A 127 -4.52 18.35 11.15
CA GLN A 127 -5.47 18.98 10.17
C GLN A 127 -5.17 20.45 9.97
N LYS A 128 -4.43 21.05 10.90
CA LYS A 128 -4.07 22.48 10.78
C LYS A 128 -2.62 22.70 11.11
N GLU A 129 -1.97 23.64 10.43
CA GLU A 129 -0.54 24.00 10.62
C GLU A 129 -0.24 24.22 12.10
N GLU A 130 -1.12 24.97 12.77
CA GLU A 130 -0.81 25.50 14.14
C GLU A 130 -1.16 24.47 15.22
N LYS A 131 -1.67 23.26 14.85
CA LYS A 131 -2.05 22.26 15.88
C LYS A 131 -1.25 20.98 15.60
N GLU A 132 0.02 20.98 15.94
CA GLU A 132 0.90 19.80 15.75
C GLU A 132 0.47 18.63 16.67
N MET A 133 0.99 17.43 16.40
CA MET A 133 0.65 16.21 17.17
C MET A 133 1.92 15.72 17.82
N ILE A 134 1.83 15.34 19.07
CA ILE A 134 2.96 14.76 19.84
C ILE A 134 2.54 13.32 20.16
N PHE A 135 3.39 12.37 19.85
CA PHE A 135 3.17 10.95 20.19
C PHE A 135 4.07 10.70 21.37
N GLU A 136 3.50 10.72 22.57
CA GLU A 136 4.30 10.61 23.84
C GLU A 136 4.96 9.23 23.91
N ASP A 137 4.27 8.17 23.48
CA ASP A 137 4.86 6.81 23.58
C ASP A 137 6.13 6.73 22.70
N THR A 138 6.22 7.34 21.52
CA THR A 138 7.40 7.12 20.66
C THR A 138 8.28 8.35 20.56
N ASN A 139 7.96 9.44 21.26
CA ASN A 139 8.85 10.63 21.29
C ASN A 139 9.00 11.29 19.92
N LEU A 140 7.89 11.46 19.22
CA LEU A 140 7.89 12.06 17.87
C LEU A 140 6.91 13.24 17.87
N LYS A 141 7.24 14.23 17.07
CA LYS A 141 6.31 15.35 16.84
C LYS A 141 6.10 15.46 15.34
N LEU A 142 4.87 15.75 14.97
CA LEU A 142 4.42 15.81 13.57
C LEU A 142 3.69 17.14 13.36
N THR A 143 4.14 17.92 12.38
CA THR A 143 3.56 19.23 11.99
C THR A 143 3.12 19.20 10.55
N LEU A 144 1.93 19.69 10.29
CA LEU A 144 1.51 19.96 8.91
C LEU A 144 2.19 21.25 8.42
N ILE A 145 2.90 21.16 7.30
CA ILE A 145 3.66 22.27 6.68
C ILE A 145 2.78 22.88 5.60
N SER A 146 2.24 22.06 4.73
CA SER A 146 1.40 22.54 3.63
C SER A 146 0.48 21.42 3.18
N GLU A 147 -0.56 21.78 2.47
CA GLU A 147 -1.59 20.84 2.00
C GLU A 147 -2.02 21.35 0.64
N ASP A 148 -2.01 20.49 -0.38
CA ASP A 148 -2.53 20.78 -1.74
C ASP A 148 -3.71 19.83 -2.02
N ILE A 149 -4.92 20.38 -2.03
CA ILE A 149 -6.16 19.58 -2.20
C ILE A 149 -6.56 19.65 -3.65
N LYS A 150 -6.54 18.50 -4.33
CA LYS A 150 -6.99 18.39 -5.74
C LYS A 150 -8.25 17.54 -5.77
N SER A 151 -8.86 17.40 -6.95
CA SER A 151 -10.18 16.76 -7.14
C SER A 151 -10.16 15.32 -6.64
N TYR A 152 -9.13 14.56 -7.02
CA TYR A 152 -9.08 13.08 -6.83
C TYR A 152 -8.12 12.71 -5.70
N TYR A 153 -7.34 13.66 -5.16
CA TYR A 153 -6.39 13.39 -4.06
C TYR A 153 -5.78 14.68 -3.50
N THR A 154 -5.15 14.51 -2.34
CA THR A 154 -4.51 15.58 -1.58
C THR A 154 -3.06 15.17 -1.36
N VAL A 155 -2.17 16.13 -1.42
CA VAL A 155 -0.74 15.95 -1.06
C VAL A 155 -0.44 16.86 0.10
N ARG A 156 0.09 16.28 1.13
CA ARG A 156 0.49 17.03 2.32
C ARG A 156 1.98 16.90 2.53
N GLN A 157 2.54 18.01 3.00
CA GLN A 157 3.96 18.15 3.37
C GLN A 157 4.01 18.16 4.90
N LEU A 158 4.70 17.18 5.51
CA LEU A 158 4.71 17.02 6.96
C LEU A 158 6.15 17.11 7.41
N GLU A 159 6.36 17.58 8.63
CA GLU A 159 7.66 17.54 9.29
C GLU A 159 7.52 16.58 10.45
N LEU A 160 8.42 15.61 10.48
CA LEU A 160 8.49 14.63 11.57
C LEU A 160 9.75 14.96 12.33
N GLU A 161 9.63 15.11 13.63
CA GLU A 161 10.79 15.49 14.45
C GLU A 161 10.97 14.43 15.51
N ASN A 162 12.20 13.94 15.60
CA ASN A 162 12.58 12.96 16.64
C ASN A 162 12.95 13.79 17.87
N LEU A 163 12.08 13.81 18.87
CA LEU A 163 12.18 14.73 20.04
C LEU A 163 13.41 14.32 20.87
N THR A 164 13.89 13.10 20.67
CA THR A 164 15.04 12.52 21.40
C THR A 164 16.33 13.14 20.87
N THR A 165 16.46 13.34 19.56
CA THR A 165 17.71 13.76 18.88
C THR A 165 17.54 15.13 18.19
N GLN A 166 16.31 15.64 18.17
CA GLN A 166 15.97 16.91 17.48
C GLN A 166 16.28 16.84 15.98
N GLU A 167 16.48 15.65 15.40
CA GLU A 167 16.52 15.52 13.92
C GLU A 167 15.10 15.73 13.35
N THR A 168 14.99 16.25 12.15
CA THR A 168 13.70 16.45 11.48
C THR A 168 13.81 15.88 10.08
N ARG A 169 12.70 15.38 9.54
CA ARG A 169 12.60 15.00 8.13
C ARG A 169 11.28 15.47 7.58
N GLU A 170 11.29 15.68 6.29
CA GLU A 170 10.11 15.99 5.55
C GLU A 170 9.53 14.66 5.03
N ILE A 171 8.25 14.42 5.30
CA ILE A 171 7.46 13.27 4.81
C ILE A 171 6.40 13.82 3.87
N LEU A 172 6.19 13.21 2.73
CA LEU A 172 5.06 13.51 1.83
C LEU A 172 3.92 12.50 2.07
N HIS A 173 2.74 13.00 2.29
CA HIS A 173 1.50 12.20 2.49
C HIS A 173 0.68 12.30 1.21
N PHE A 174 0.49 11.19 0.52
CA PHE A 174 -0.25 11.13 -0.72
C PHE A 174 -1.56 10.45 -0.36
N HIS A 175 -2.65 11.18 -0.47
CA HIS A 175 -3.97 10.70 0.00
C HIS A 175 -4.89 10.62 -1.18
N TYR A 176 -5.13 9.41 -1.71
CA TYR A 176 -6.14 9.23 -2.75
C TYR A 176 -7.52 9.22 -2.08
N THR A 177 -8.37 10.18 -2.41
CA THR A 177 -9.59 10.48 -1.61
C THR A 177 -10.85 9.98 -2.29
N THR A 178 -10.78 9.46 -3.51
CA THR A 178 -11.97 9.24 -4.37
C THR A 178 -12.15 7.79 -4.76
N TRP A 179 -11.54 6.88 -4.01
N TRP A 179 -11.57 6.85 -4.00
CA TRP A 179 -11.81 5.43 -4.17
CA TRP A 179 -11.84 5.40 -4.19
C TRP A 179 -13.23 5.18 -3.63
C TRP A 179 -13.17 5.08 -3.53
N PRO A 180 -14.10 4.60 -4.48
N PRO A 180 -14.07 4.26 -4.12
CA PRO A 180 -15.52 4.41 -4.14
CA PRO A 180 -15.15 3.65 -3.33
C PRO A 180 -15.71 3.47 -2.94
C PRO A 180 -14.61 2.71 -2.23
N ASP A 181 -16.71 3.76 -2.10
N ASP A 181 -15.40 1.73 -1.80
CA ASP A 181 -17.02 2.94 -0.90
CA ASP A 181 -15.03 0.78 -0.70
C ASP A 181 -17.25 1.49 -1.36
C ASP A 181 -14.90 -0.63 -1.29
N PHE A 182 -17.71 1.30 -2.60
N PHE A 182 -13.68 -1.16 -1.33
CA PHE A 182 -17.98 -0.05 -3.18
CA PHE A 182 -13.38 -2.47 -1.96
C PHE A 182 -17.35 -0.18 -4.56
C PHE A 182 -14.02 -2.53 -3.35
N GLY A 183 -16.91 -1.40 -4.89
N GLY A 183 -14.74 -1.46 -3.74
CA GLY A 183 -16.35 -1.73 -6.21
CA GLY A 183 -15.27 -1.23 -5.09
C GLY A 183 -15.00 -1.06 -6.43
C GLY A 183 -14.13 -1.07 -6.09
N VAL A 184 -14.73 -0.60 -7.65
N VAL A 184 -14.36 -0.33 -7.17
CA VAL A 184 -13.43 0.03 -8.02
CA VAL A 184 -13.34 -0.11 -8.25
C VAL A 184 -13.72 1.28 -8.83
C VAL A 184 -13.65 1.21 -8.95
N PRO A 185 -12.75 2.23 -8.89
CA PRO A 185 -12.90 3.44 -9.70
C PRO A 185 -13.21 3.07 -11.14
N GLU A 186 -14.22 3.71 -11.74
CA GLU A 186 -14.78 3.31 -13.07
C GLU A 186 -13.67 3.30 -14.13
N SER A 187 -12.80 4.31 -14.13
CA SER A 187 -11.63 4.43 -15.05
C SER A 187 -10.35 4.43 -14.23
N PRO A 188 -9.25 3.82 -14.71
CA PRO A 188 -7.98 3.91 -13.98
C PRO A 188 -7.22 5.21 -14.20
N ALA A 189 -7.79 6.16 -14.93
CA ALA A 189 -7.06 7.39 -15.30
C ALA A 189 -6.62 8.11 -14.03
N SER A 190 -7.50 8.35 -13.06
CA SER A 190 -7.10 9.21 -11.90
C SER A 190 -6.13 8.45 -10.98
N PHE A 191 -6.26 7.14 -10.95
CA PHE A 191 -5.36 6.26 -10.16
C PHE A 191 -3.94 6.31 -10.76
N LEU A 192 -3.81 6.24 -12.09
CA LEU A 192 -2.50 6.31 -12.79
C LEU A 192 -1.89 7.70 -12.58
N ASN A 193 -2.70 8.75 -12.69
CA ASN A 193 -2.23 10.15 -12.48
C ASN A 193 -1.69 10.27 -11.05
N PHE A 194 -2.35 9.63 -10.08
CA PHE A 194 -1.91 9.60 -8.66
C PHE A 194 -0.59 8.83 -8.53
N LEU A 195 -0.53 7.66 -9.13
CA LEU A 195 0.72 6.84 -9.10
C LEU A 195 1.92 7.61 -9.69
N PHE A 196 1.76 8.27 -10.84
CA PHE A 196 2.84 9.08 -11.45
C PHE A 196 3.23 10.24 -10.52
N LYS A 197 2.25 10.80 -9.83
CA LYS A 197 2.51 11.90 -8.85
C LYS A 197 3.38 11.35 -7.71
N VAL A 198 3.11 10.12 -7.27
CA VAL A 198 3.97 9.52 -6.21
C VAL A 198 5.39 9.35 -6.79
N ARG A 199 5.48 8.72 -7.95
CA ARG A 199 6.80 8.49 -8.60
C ARG A 199 7.58 9.78 -8.71
N GLU A 200 6.94 10.81 -9.29
CA GLU A 200 7.61 12.09 -9.56
C GLU A 200 8.20 12.69 -8.30
N SER A 201 7.64 12.41 -7.15
CA SER A 201 8.05 12.99 -5.85
C SER A 201 9.41 12.44 -5.41
N GLY A 202 9.80 11.28 -5.95
CA GLY A 202 10.99 10.58 -5.45
C GLY A 202 10.76 9.63 -4.28
N SER A 203 9.51 9.46 -3.82
CA SER A 203 9.18 8.64 -2.63
C SER A 203 9.46 7.14 -2.88
N LEU A 204 9.45 6.72 -4.15
CA LEU A 204 9.62 5.29 -4.57
C LEU A 204 11.06 5.05 -5.02
N SER A 205 11.96 5.98 -4.76
CA SER A 205 13.33 5.91 -5.32
C SER A 205 14.27 5.24 -4.34
N PRO A 206 15.31 4.53 -4.84
CA PRO A 206 16.19 3.75 -3.96
C PRO A 206 17.04 4.54 -2.98
N GLU A 207 17.14 5.86 -3.18
N GLU A 207 17.14 5.87 -3.15
CA GLU A 207 17.81 6.82 -2.27
CA GLU A 207 17.88 6.77 -2.21
C GLU A 207 17.14 6.78 -0.89
C GLU A 207 17.09 6.94 -0.90
N HIS A 208 15.83 6.50 -0.85
CA HIS A 208 15.02 6.58 0.40
C HIS A 208 14.67 5.17 0.86
N GLY A 209 14.31 5.02 2.12
CA GLY A 209 13.55 3.87 2.63
C GLY A 209 12.30 3.57 1.82
N PRO A 210 11.74 2.36 2.03
CA PRO A 210 10.52 1.99 1.32
C PRO A 210 9.36 2.94 1.68
N VAL A 211 8.61 3.21 0.67
CA VAL A 211 7.29 3.88 0.76
C VAL A 211 6.37 3.06 1.68
N VAL A 212 5.65 3.76 2.54
CA VAL A 212 4.56 3.15 3.33
C VAL A 212 3.26 3.28 2.63
N VAL A 213 2.62 2.14 2.34
CA VAL A 213 1.32 2.11 1.66
C VAL A 213 0.25 1.50 2.57
N HIS A 214 -0.90 2.13 2.70
CA HIS A 214 -2.02 1.55 3.48
C HIS A 214 -3.38 1.90 2.89
N CYS A 215 -4.34 1.06 3.25
CA CYS A 215 -5.80 1.27 3.12
C CYS A 215 -6.34 0.94 4.53
N SER A 216 -7.44 0.20 4.66
N SER A 216 -7.45 0.21 4.60
CA SER A 216 -7.86 -0.19 6.02
CA SER A 216 -8.00 -0.27 5.89
C SER A 216 -7.08 -1.45 6.44
C SER A 216 -7.14 -1.42 6.40
N ALA A 217 -7.12 -2.52 5.66
CA ALA A 217 -6.42 -3.78 6.05
C ALA A 217 -4.95 -3.74 5.55
N GLY A 218 -4.67 -2.96 4.52
CA GLY A 218 -3.35 -2.96 3.85
C GLY A 218 -3.14 -4.15 2.90
N ILE A 219 -4.20 -4.65 2.26
CA ILE A 219 -4.09 -5.80 1.33
C ILE A 219 -4.83 -5.56 0.01
N GLY A 220 -5.95 -4.82 -0.02
CA GLY A 220 -6.79 -4.73 -1.22
C GLY A 220 -6.36 -3.61 -2.13
N ARG A 221 -6.79 -2.38 -1.81
CA ARG A 221 -6.38 -1.17 -2.57
C ARG A 221 -4.85 -1.05 -2.55
N SER A 222 -4.22 -1.30 -1.40
CA SER A 222 -2.76 -1.20 -1.22
C SER A 222 -2.05 -2.17 -2.20
N GLY A 223 -2.60 -3.37 -2.32
CA GLY A 223 -2.12 -4.39 -3.26
C GLY A 223 -2.19 -3.91 -4.71
N THR A 224 -3.28 -3.26 -5.08
N THR A 224 -3.28 -3.26 -5.09
CA THR A 224 -3.50 -2.75 -6.46
CA THR A 224 -3.50 -2.75 -6.48
C THR A 224 -2.42 -1.71 -6.78
C THR A 224 -2.39 -1.73 -6.78
N PHE A 225 -2.11 -0.84 -5.82
CA PHE A 225 -1.11 0.21 -5.99
C PHE A 225 0.27 -0.41 -6.34
N CYS A 226 0.77 -1.33 -5.50
N CYS A 226 0.74 -1.30 -5.47
CA CYS A 226 2.15 -1.86 -5.66
CA CYS A 226 2.08 -1.93 -5.60
C CYS A 226 2.18 -2.89 -6.81
C CYS A 226 2.12 -2.77 -6.89
N LEU A 227 1.07 -3.52 -7.16
CA LEU A 227 1.02 -4.44 -8.31
C LEU A 227 1.13 -3.62 -9.62
N ALA A 228 0.40 -2.52 -9.74
CA ALA A 228 0.46 -1.65 -10.94
C ALA A 228 1.85 -1.05 -11.06
N ASP A 229 2.42 -0.49 -9.98
CA ASP A 229 3.73 0.15 -10.04
C ASP A 229 4.81 -0.87 -10.52
N THR A 230 4.88 -2.01 -9.85
CA THR A 230 5.89 -3.05 -10.16
C THR A 230 5.72 -3.52 -11.62
N CYS A 231 4.54 -3.88 -12.05
CA CYS A 231 4.30 -4.34 -13.46
C CYS A 231 4.78 -3.27 -14.47
N LEU A 232 4.45 -2.00 -14.27
CA LEU A 232 4.87 -0.93 -15.21
C LEU A 232 6.38 -0.77 -15.22
N LEU A 233 7.04 -0.90 -14.05
N LEU A 233 7.03 -0.88 -14.05
CA LEU A 233 8.51 -0.79 -13.94
CA LEU A 233 8.51 -0.80 -13.93
C LEU A 233 9.16 -1.94 -14.72
C LEU A 233 9.16 -1.94 -14.72
N LEU A 234 8.61 -3.15 -14.61
CA LEU A 234 9.17 -4.36 -15.26
C LEU A 234 9.03 -4.22 -16.77
N MET A 235 7.93 -3.64 -17.25
CA MET A 235 7.70 -3.41 -18.69
C MET A 235 8.72 -2.40 -19.23
N ASP A 236 9.24 -1.52 -18.39
CA ASP A 236 10.28 -0.56 -18.82
C ASP A 236 11.66 -1.22 -18.87
N LYS A 237 11.94 -2.05 -17.85
CA LYS A 237 13.26 -2.70 -17.63
C LYS A 237 13.45 -3.69 -18.79
N ARG A 238 12.35 -4.23 -19.28
CA ARG A 238 12.30 -5.22 -20.40
C ARG A 238 11.84 -4.52 -21.68
N LYS A 239 11.21 -3.35 -21.54
CA LYS A 239 10.68 -2.53 -22.67
C LYS A 239 9.85 -3.45 -23.59
N ASP A 240 9.15 -4.43 -23.01
CA ASP A 240 8.29 -5.42 -23.74
C ASP A 240 7.07 -5.78 -22.89
N PRO A 241 5.84 -5.37 -23.31
CA PRO A 241 4.64 -5.64 -22.51
C PRO A 241 4.13 -7.09 -22.61
N SER A 242 4.96 -8.02 -23.06
CA SER A 242 4.57 -9.43 -23.33
C SER A 242 5.28 -10.39 -22.37
N SER A 243 6.45 -10.05 -21.85
CA SER A 243 7.22 -10.91 -20.91
C SER A 243 6.61 -10.82 -19.51
N VAL A 244 5.76 -9.82 -19.25
CA VAL A 244 5.26 -9.51 -17.88
C VAL A 244 3.91 -10.18 -17.67
N ASP A 245 3.84 -11.11 -16.71
CA ASP A 245 2.59 -11.81 -16.34
C ASP A 245 2.12 -11.26 -14.97
N ILE A 246 1.02 -10.52 -14.98
N ILE A 246 1.01 -10.52 -14.98
CA ILE A 246 0.47 -9.86 -13.75
CA ILE A 246 0.41 -9.89 -13.76
C ILE A 246 0.14 -10.92 -12.68
C ILE A 246 0.23 -10.96 -12.69
N LYS A 247 -0.27 -12.13 -13.09
CA LYS A 247 -0.61 -13.25 -12.17
C LYS A 247 0.64 -13.72 -11.47
N LYS A 248 1.77 -13.82 -12.18
CA LYS A 248 3.05 -14.25 -11.57
C LYS A 248 3.56 -13.16 -10.61
N VAL A 249 3.46 -11.90 -11.00
CA VAL A 249 3.91 -10.78 -10.16
C VAL A 249 3.10 -10.80 -8.86
N LEU A 250 1.78 -10.91 -8.98
CA LEU A 250 0.89 -10.94 -7.79
C LEU A 250 1.28 -12.09 -6.87
N LEU A 251 1.51 -13.29 -7.42
CA LEU A 251 1.91 -14.43 -6.56
C LEU A 251 3.22 -14.19 -5.89
N GLU A 252 4.18 -13.55 -6.57
N GLU A 252 4.19 -13.56 -6.56
CA GLU A 252 5.48 -13.22 -5.96
CA GLU A 252 5.47 -13.19 -5.90
C GLU A 252 5.29 -12.22 -4.80
C GLU A 252 5.17 -12.28 -4.70
N MET A 253 4.37 -11.26 -4.96
N MET A 253 4.43 -11.19 -4.89
CA MET A 253 4.09 -10.25 -3.91
CA MET A 253 4.12 -10.24 -3.79
C MET A 253 3.41 -10.95 -2.73
C MET A 253 3.43 -10.98 -2.66
N ARG A 254 2.53 -11.91 -3.01
CA ARG A 254 1.81 -12.70 -1.96
C ARG A 254 2.76 -13.60 -1.18
N LYS A 255 4.03 -13.73 -1.54
CA LYS A 255 4.96 -14.43 -0.63
C LYS A 255 5.28 -13.55 0.56
N PHE A 256 5.03 -12.22 0.42
CA PHE A 256 5.45 -11.25 1.46
C PHE A 256 4.33 -10.77 2.39
N ARG A 257 3.12 -10.71 1.88
CA ARG A 257 1.93 -10.36 2.66
C ARG A 257 0.74 -11.09 2.07
N MET A 258 -0.06 -11.66 2.95
CA MET A 258 -1.24 -12.44 2.52
C MET A 258 -2.30 -11.54 1.92
N GLY A 259 -3.09 -12.10 1.02
CA GLY A 259 -4.38 -11.54 0.65
C GLY A 259 -4.34 -10.37 -0.30
N LEU A 260 -3.16 -10.03 -0.85
CA LEU A 260 -3.03 -8.83 -1.68
C LEU A 260 -3.98 -8.97 -2.85
N ILE A 261 -4.82 -7.97 -3.06
CA ILE A 261 -5.92 -7.99 -4.08
C ILE A 261 -7.04 -8.87 -3.52
N GLN A 262 -8.13 -8.22 -3.10
N GLN A 262 -8.14 -8.26 -3.09
CA GLN A 262 -9.17 -8.81 -2.20
CA GLN A 262 -9.12 -8.95 -2.21
C GLN A 262 -10.35 -9.36 -3.00
C GLN A 262 -10.42 -9.29 -2.97
N THR A 263 -10.58 -8.85 -4.22
CA THR A 263 -11.76 -9.21 -5.04
C THR A 263 -11.34 -9.34 -6.50
N ALA A 264 -12.14 -10.08 -7.27
CA ALA A 264 -11.98 -10.27 -8.72
C ALA A 264 -12.08 -8.91 -9.42
N ASP A 265 -12.86 -8.00 -8.86
CA ASP A 265 -12.97 -6.63 -9.36
C ASP A 265 -11.63 -5.90 -9.26
N GLN A 266 -10.96 -6.03 -8.12
CA GLN A 266 -9.65 -5.36 -7.94
C GLN A 266 -8.64 -5.98 -8.91
N LEU A 267 -8.73 -7.29 -9.16
CA LEU A 267 -7.82 -7.96 -10.13
C LEU A 267 -8.10 -7.37 -11.51
N ARG A 268 -9.35 -7.34 -11.95
CA ARG A 268 -9.69 -6.77 -13.29
C ARG A 268 -9.19 -5.31 -13.38
N PHE A 269 -9.42 -4.52 -12.33
CA PHE A 269 -8.96 -3.12 -12.26
C PHE A 269 -7.42 -3.04 -12.41
N SER A 270 -6.67 -3.92 -11.75
CA SER A 270 -5.19 -3.96 -11.80
C SER A 270 -4.74 -4.16 -13.24
N TYR A 271 -5.37 -5.10 -13.95
CA TYR A 271 -5.10 -5.34 -15.40
C TYR A 271 -5.30 -4.04 -16.17
N LEU A 272 -6.48 -3.43 -16.05
N LEU A 272 -6.47 -3.43 -16.04
CA LEU A 272 -6.89 -2.20 -16.77
CA LEU A 272 -6.88 -2.22 -16.78
C LEU A 272 -5.86 -1.11 -16.49
C LEU A 272 -5.86 -1.11 -16.49
N ALA A 273 -5.43 -0.98 -15.23
CA ALA A 273 -4.47 0.07 -14.84
C ALA A 273 -3.14 -0.16 -15.57
N VAL A 274 -2.65 -1.41 -15.57
CA VAL A 274 -1.36 -1.75 -16.20
C VAL A 274 -1.49 -1.57 -17.72
N ILE A 275 -2.59 -2.04 -18.31
CA ILE A 275 -2.79 -1.96 -19.79
C ILE A 275 -2.78 -0.48 -20.22
N GLU A 276 -3.54 0.36 -19.52
CA GLU A 276 -3.65 1.81 -19.80
C GLU A 276 -2.32 2.48 -19.51
N GLY A 277 -1.66 2.14 -18.41
CA GLY A 277 -0.38 2.80 -18.08
C GLY A 277 0.71 2.47 -19.10
N ALA A 278 0.68 1.25 -19.64
CA ALA A 278 1.56 0.77 -20.75
C ALA A 278 1.59 1.74 -21.94
N LYS A 279 0.43 2.31 -22.31
CA LYS A 279 0.35 3.32 -23.40
C LYS A 279 1.34 4.46 -23.12
N PHE A 280 1.44 4.87 -21.85
CA PHE A 280 2.32 5.98 -21.37
C PHE A 280 3.66 5.40 -20.88
N ILE A 281 4.29 4.53 -21.67
CA ILE A 281 5.58 3.85 -21.34
C ILE A 281 5.90 2.77 -22.40
N MET A 282 4.86 2.10 -22.92
CA MET A 282 4.91 1.05 -23.97
C MET A 282 6.18 0.18 -23.79
C TRS B . 13.17 -13.75 4.36
C1 TRS B . 14.61 -13.21 4.38
C2 TRS B . 12.25 -12.94 3.43
C3 TRS B . 12.62 -13.89 5.77
N TRS B . 13.20 -15.13 3.78
O1 TRS B . 15.11 -13.06 3.05
O2 TRS B . 11.64 -11.79 4.00
O3 TRS B . 13.35 -13.21 6.78
H11 TRS B . 15.18 -13.83 4.88
H12 TRS B . 14.63 -12.34 4.83
H21 TRS B . 11.54 -13.53 3.11
H22 TRS B . 12.77 -12.64 2.66
H31 TRS B . 12.59 -14.84 6.00
H32 TRS B . 11.71 -13.56 5.78
HN1 TRS B . 13.07 -15.77 4.41
HN2 TRS B . 14.01 -15.29 3.38
HN3 TRS B . 12.55 -15.24 3.14
HO1 TRS B . 15.88 -12.73 3.06
HO2 TRS B . 11.14 -11.46 3.42
HO3 TRS B . 13.15 -12.38 6.73
C10 JPD C . 7.58 19.71 -2.75
C13 JPD C . 6.80 21.87 -1.66
C17 JPD C . 3.01 20.53 -4.38
C01 JPD C . 5.99 17.99 -6.25
C02 JPD C . 6.66 17.69 -4.88
C03 JPD C . 5.68 17.91 -3.63
O04 JPD C . 4.37 18.12 -4.03
C05 JPD C . 6.13 19.06 -2.55
N06 JPD C . 5.09 20.21 -2.34
C07 JPD C . 5.67 21.52 -2.68
C08 JPD C . 6.39 21.54 -4.04
C09 JPD C . 7.64 20.66 -3.97
O11 JPD C . 8.49 18.65 -2.80
C12 JPD C . 7.81 20.69 -1.56
C14 JPD C . 3.70 19.86 -2.15
O15 JPD C . 3.15 19.80 -1.10
O16 JPD C . 2.96 19.56 -3.32
H132 JPD C . 7.29 22.82 -1.97
H131 JPD C . 6.36 22.15 -0.69
H171 JPD C . 2.02 20.57 -4.92
H172 JPD C . 3.72 20.32 -5.20
H173 JPD C . 3.18 21.57 -4.05
H013 JPD C . 6.74 18.09 -7.05
H011 JPD C . 5.41 18.94 -6.27
H012 JPD C . 5.32 17.17 -6.59
H021 JPD C . 7.57 18.27 -4.82
H022 JPD C . 7.01 16.62 -4.86
H031 JPD C . 5.74 16.96 -3.05
H041 JPD C . 4.19 19.14 -3.74
H051 JPD C . 6.22 18.60 -1.52
H071 JPD C . 4.85 22.31 -2.69
H081 JPD C . 5.72 21.18 -4.84
H082 JPD C . 6.66 22.56 -4.34
H092 JPD C . 7.77 20.12 -4.92
H091 JPD C . 8.55 21.29 -3.89
H111 JPD C . 9.23 18.76 -2.16
H121 JPD C . 8.88 21.02 -1.58
H122 JPD C . 7.74 20.14 -0.60
#